data_1CG5
#
_entry.id   1CG5
#
_cell.length_a   77.760
_cell.length_b   77.760
_cell.length_c   99.320
_cell.angle_alpha   90.00
_cell.angle_beta   90.00
_cell.angle_gamma   120.00
#
_symmetry.space_group_name_H-M   'P 31 1 2'
#
loop_
_entity.id
_entity.type
_entity.pdbx_description
1 polymer 'PROTEIN (HEMOGLOBIN)'
2 polymer 'PROTEIN (HEMOGLOBIN)'
3 non-polymer 'PROTOPORPHYRIN IX CONTAINING FE'
4 water water
#
loop_
_entity_poly.entity_id
_entity_poly.type
_entity_poly.pdbx_seq_one_letter_code
_entity_poly.pdbx_strand_id
1 'polypeptide(L)'
;VLSSQNKKAIEELGNLIKANAEAWGADALARLFELHPQTKTYFSKFSGFEACNEQVKKHGKRVMNALADATHHLDNLHLH
LEDLARKHGENLLVDPHNFHLFADCIVVTLAVNLQAFTPVTHCAVDKFLELVAYELSSCYR
;
A
2 'polypeptide(L)'
;VKLSEDQEHYIKGVWKDVDHKQITAKALERVFVVYPWTTRLFSKLQGLFSANDIGVQQHADKVQRALGEAIDDLKKVEIN
FQNLSGKHQEIGVDTQNFKLLGQTFMVELALHYKKTFRPKEHAAAYKFFRLVAEALSSNYH
;
B
#
loop_
_chem_comp.id
_chem_comp.type
_chem_comp.name
_chem_comp.formula
HEM non-polymer 'PROTOPORPHYRIN IX CONTAINING FE' 'C34 H32 Fe N4 O4'
#
# COMPACT_ATOMS: atom_id res chain seq x y z
N VAL A 1 -13.10 15.22 2.28
CA VAL A 1 -14.23 14.89 1.35
C VAL A 1 -13.73 14.56 -0.05
N LEU A 2 -14.63 14.00 -0.86
CA LEU A 2 -14.30 13.66 -2.25
C LEU A 2 -14.74 14.84 -3.12
N SER A 3 -13.77 15.49 -3.78
CA SER A 3 -14.07 16.62 -4.66
C SER A 3 -14.79 16.13 -5.93
N SER A 4 -15.23 17.08 -6.76
CA SER A 4 -15.92 16.72 -7.99
C SER A 4 -14.95 15.98 -8.93
N GLN A 5 -13.66 16.38 -8.88
CA GLN A 5 -12.63 15.74 -9.69
C GLN A 5 -12.40 14.30 -9.19
N ASN A 6 -12.36 14.12 -7.87
CA ASN A 6 -12.17 12.79 -7.27
C ASN A 6 -13.31 11.84 -7.66
N LYS A 7 -14.54 12.32 -7.53
CA LYS A 7 -15.70 11.50 -7.86
C LYS A 7 -15.69 10.95 -9.29
N LYS A 8 -15.29 11.78 -10.26
CA LYS A 8 -15.23 11.33 -11.65
C LYS A 8 -14.17 10.24 -11.82
N ALA A 9 -13.05 10.40 -11.10
CA ALA A 9 -11.96 9.43 -11.14
C ALA A 9 -12.45 8.10 -10.59
N ILE A 10 -13.17 8.15 -9.48
CA ILE A 10 -13.70 6.97 -8.80
C ILE A 10 -14.78 6.27 -9.62
N GLU A 11 -15.66 7.04 -10.25
CA GLU A 11 -16.73 6.47 -11.08
C GLU A 11 -16.16 5.73 -12.29
N GLU A 12 -15.13 6.29 -12.90
CA GLU A 12 -14.47 5.67 -14.05
C GLU A 12 -13.79 4.37 -13.63
N LEU A 13 -13.21 4.38 -12.44
CA LEU A 13 -12.52 3.20 -11.91
C LEU A 13 -13.52 2.10 -11.58
N GLY A 14 -14.71 2.50 -11.11
CA GLY A 14 -15.75 1.55 -10.77
C GLY A 14 -16.12 0.70 -11.97
N ASN A 15 -16.12 1.31 -13.15
CA ASN A 15 -16.45 0.62 -14.40
C ASN A 15 -15.42 -0.48 -14.71
N LEU A 16 -14.14 -0.17 -14.50
CA LEU A 16 -13.05 -1.12 -14.74
C LEU A 16 -13.06 -2.25 -13.71
N ILE A 17 -13.42 -1.92 -12.47
CA ILE A 17 -13.50 -2.91 -11.41
C ILE A 17 -14.59 -3.94 -11.75
N LYS A 18 -15.76 -3.43 -12.15
CA LYS A 18 -16.89 -4.27 -12.52
C LYS A 18 -16.51 -5.25 -13.64
N ALA A 19 -15.80 -4.75 -14.64
CA ALA A 19 -15.37 -5.56 -15.77
C ALA A 19 -14.34 -6.64 -15.41
N ASN A 20 -13.55 -6.39 -14.36
CA ASN A 20 -12.51 -7.33 -13.95
C ASN A 20 -12.68 -7.80 -12.49
N ALA A 21 -13.92 -7.81 -12.01
CA ALA A 21 -14.22 -8.18 -10.62
C ALA A 21 -13.60 -9.47 -10.07
N GLU A 22 -13.75 -10.59 -10.79
CA GLU A 22 -13.19 -11.86 -10.32
C GLU A 22 -11.66 -11.89 -10.24
N ALA A 23 -10.98 -11.54 -11.33
CA ALA A 23 -9.52 -11.55 -11.36
C ALA A 23 -8.85 -10.59 -10.38
N TRP A 24 -9.34 -9.35 -10.34
CA TRP A 24 -8.77 -8.35 -9.43
C TRP A 24 -9.10 -8.69 -7.98
N GLY A 25 -10.30 -9.22 -7.77
CA GLY A 25 -10.71 -9.60 -6.43
C GLY A 25 -9.87 -10.72 -5.89
N ALA A 26 -9.61 -11.73 -6.73
CA ALA A 26 -8.79 -12.88 -6.34
C ALA A 26 -7.36 -12.48 -6.01
N ASP A 27 -6.82 -11.56 -6.81
CA ASP A 27 -5.45 -11.06 -6.65
C ASP A 27 -5.31 -10.28 -5.33
N ALA A 28 -6.26 -9.38 -5.07
CA ALA A 28 -6.26 -8.56 -3.86
C ALA A 28 -6.33 -9.41 -2.59
N LEU A 29 -7.18 -10.45 -2.63
CA LEU A 29 -7.33 -11.36 -1.50
C LEU A 29 -6.08 -12.19 -1.29
N ALA A 30 -5.49 -12.67 -2.38
CA ALA A 30 -4.25 -13.46 -2.31
C ALA A 30 -3.14 -12.64 -1.65
N ARG A 31 -3.10 -11.34 -1.94
CA ARG A 31 -2.10 -10.45 -1.35
C ARG A 31 -2.36 -10.28 0.14
N LEU A 32 -3.62 -10.07 0.50
CA LEU A 32 -4.02 -9.92 1.90
C LEU A 32 -3.62 -11.16 2.73
N PHE A 33 -3.89 -12.35 2.20
CA PHE A 33 -3.59 -13.59 2.89
C PHE A 33 -2.09 -13.83 3.06
N GLU A 34 -1.30 -13.41 2.07
CA GLU A 34 0.15 -13.58 2.09
C GLU A 34 0.87 -12.60 3.03
N LEU A 35 0.54 -11.31 2.93
CA LEU A 35 1.17 -10.30 3.79
C LEU A 35 0.67 -10.35 5.23
N HIS A 36 -0.61 -10.67 5.41
CA HIS A 36 -1.23 -10.72 6.73
C HIS A 36 -1.94 -12.04 6.93
N PRO A 37 -1.19 -13.11 7.26
CA PRO A 37 -1.71 -14.47 7.48
C PRO A 37 -2.86 -14.65 8.46
N GLN A 38 -3.00 -13.74 9.42
CA GLN A 38 -4.09 -13.82 10.39
C GLN A 38 -5.47 -13.64 9.75
N THR A 39 -5.52 -13.04 8.55
CA THR A 39 -6.78 -12.84 7.85
C THR A 39 -7.37 -14.14 7.28
N LYS A 40 -6.52 -15.17 7.20
CA LYS A 40 -6.98 -16.47 6.69
C LYS A 40 -7.95 -17.16 7.67
N THR A 41 -7.88 -16.76 8.94
CA THR A 41 -8.71 -17.31 9.99
C THR A 41 -10.22 -17.12 9.79
N TYR A 42 -10.59 -16.13 8.99
CA TYR A 42 -12.00 -15.85 8.72
C TYR A 42 -12.55 -16.70 7.57
N PHE A 43 -11.67 -17.46 6.92
CA PHE A 43 -12.06 -18.30 5.79
C PHE A 43 -11.60 -19.74 5.99
N SER A 44 -11.97 -20.30 7.14
CA SER A 44 -11.58 -21.66 7.51
C SER A 44 -12.15 -22.76 6.61
N LYS A 45 -13.17 -22.43 5.83
CA LYS A 45 -13.82 -23.37 4.92
C LYS A 45 -13.02 -23.54 3.63
N PHE A 46 -12.11 -22.61 3.35
CA PHE A 46 -11.31 -22.65 2.13
C PHE A 46 -10.35 -23.83 2.02
N SER A 47 -10.19 -24.34 0.80
CA SER A 47 -9.28 -25.45 0.54
C SER A 47 -7.93 -24.93 0.03
N GLY A 48 -7.83 -23.60 -0.09
CA GLY A 48 -6.61 -22.98 -0.56
C GLY A 48 -6.71 -21.47 -0.48
N PHE A 49 -5.58 -20.78 -0.58
CA PHE A 49 -5.60 -19.32 -0.47
C PHE A 49 -4.91 -18.58 -1.62
N GLU A 50 -4.65 -19.29 -2.72
CA GLU A 50 -4.02 -18.69 -3.88
C GLU A 50 -5.09 -18.01 -4.72
N ALA A 51 -4.65 -17.09 -5.59
CA ALA A 51 -5.57 -16.39 -6.48
C ALA A 51 -6.21 -17.40 -7.45
N CYS A 52 -5.49 -18.49 -7.71
CA CYS A 52 -5.91 -19.59 -8.58
C CYS A 52 -7.11 -20.36 -8.02
N ASN A 53 -7.26 -20.37 -6.69
CA ASN A 53 -8.32 -21.09 -5.98
C ASN A 53 -9.76 -20.61 -6.25
N GLU A 54 -10.65 -21.55 -6.56
CA GLU A 54 -12.04 -21.24 -6.88
C GLU A 54 -12.81 -20.48 -5.80
N GLN A 55 -12.59 -20.84 -4.53
CA GLN A 55 -13.29 -20.16 -3.44
C GLN A 55 -12.79 -18.72 -3.29
N VAL A 56 -11.48 -18.53 -3.52
CA VAL A 56 -10.88 -17.20 -3.46
C VAL A 56 -11.47 -16.33 -4.58
N LYS A 57 -11.62 -16.93 -5.76
CA LYS A 57 -12.19 -16.24 -6.93
C LYS A 57 -13.63 -15.80 -6.71
N LYS A 58 -14.43 -16.69 -6.11
CA LYS A 58 -15.84 -16.38 -5.86
C LYS A 58 -16.02 -15.27 -4.83
N HIS A 59 -15.24 -15.31 -3.76
CA HIS A 59 -15.37 -14.27 -2.74
C HIS A 59 -14.79 -12.96 -3.30
N GLY A 60 -13.73 -13.07 -4.08
CA GLY A 60 -13.11 -11.89 -4.68
C GLY A 60 -14.07 -11.14 -5.58
N LYS A 61 -14.83 -11.88 -6.39
CA LYS A 61 -15.80 -11.27 -7.29
C LYS A 61 -16.88 -10.54 -6.52
N ARG A 62 -17.39 -11.16 -5.45
CA ARG A 62 -18.43 -10.55 -4.63
C ARG A 62 -17.96 -9.22 -4.04
N VAL A 63 -16.76 -9.24 -3.44
CA VAL A 63 -16.18 -8.05 -2.83
C VAL A 63 -16.00 -6.93 -3.86
N MET A 64 -15.42 -7.26 -5.02
CA MET A 64 -15.20 -6.26 -6.06
C MET A 64 -16.50 -5.72 -6.65
N ASN A 65 -17.52 -6.56 -6.77
CA ASN A 65 -18.80 -6.10 -7.30
C ASN A 65 -19.44 -5.12 -6.32
N ALA A 66 -19.29 -5.38 -5.03
CA ALA A 66 -19.84 -4.51 -3.99
C ALA A 66 -19.09 -3.17 -3.98
N LEU A 67 -17.79 -3.22 -4.28
CA LEU A 67 -16.97 -2.03 -4.32
C LEU A 67 -17.31 -1.20 -5.57
N ALA A 68 -17.55 -1.86 -6.69
CA ALA A 68 -17.92 -1.20 -7.94
C ALA A 68 -19.27 -0.49 -7.79
N ASP A 69 -20.23 -1.15 -7.14
CA ASP A 69 -21.55 -0.57 -6.93
C ASP A 69 -21.47 0.69 -6.10
N ALA A 70 -20.61 0.68 -5.09
CA ALA A 70 -20.44 1.81 -4.19
C ALA A 70 -19.96 3.07 -4.91
N THR A 71 -19.23 2.90 -6.02
CA THR A 71 -18.71 4.04 -6.78
C THR A 71 -19.81 4.83 -7.49
N HIS A 72 -21.03 4.32 -7.46
CA HIS A 72 -22.18 4.98 -8.08
C HIS A 72 -23.11 5.56 -7.02
N HIS A 73 -22.65 5.57 -5.78
CA HIS A 73 -23.43 6.10 -4.66
C HIS A 73 -22.55 6.98 -3.78
N LEU A 74 -21.64 7.71 -4.42
CA LEU A 74 -20.69 8.60 -3.73
C LEU A 74 -21.32 9.72 -2.92
N ASP A 75 -22.53 10.13 -3.32
CA ASP A 75 -23.24 11.19 -2.62
C ASP A 75 -24.01 10.64 -1.42
N ASN A 76 -24.27 9.33 -1.43
CA ASN A 76 -25.04 8.69 -0.36
C ASN A 76 -24.39 7.38 0.09
N LEU A 77 -23.10 7.45 0.40
CA LEU A 77 -22.32 6.28 0.80
C LEU A 77 -22.72 5.62 2.12
N HIS A 78 -23.09 6.41 3.10
CA HIS A 78 -23.48 5.87 4.40
C HIS A 78 -24.69 4.95 4.33
N LEU A 79 -25.76 5.42 3.69
CA LEU A 79 -26.97 4.63 3.56
C LEU A 79 -26.77 3.43 2.65
N HIS A 80 -25.96 3.57 1.61
CA HIS A 80 -25.70 2.49 0.67
C HIS A 80 -24.97 1.29 1.28
N LEU A 81 -23.99 1.55 2.14
CA LEU A 81 -23.21 0.49 2.77
C LEU A 81 -23.73 0.00 4.11
N GLU A 82 -24.85 0.57 4.55
CA GLU A 82 -25.46 0.23 5.83
C GLU A 82 -25.68 -1.27 6.02
N ASP A 83 -26.22 -1.94 5.00
CA ASP A 83 -26.45 -3.38 5.10
C ASP A 83 -25.16 -4.20 5.26
N LEU A 84 -24.11 -3.85 4.51
CA LEU A 84 -22.83 -4.56 4.62
C LEU A 84 -22.16 -4.26 5.95
N ALA A 85 -22.32 -3.02 6.42
CA ALA A 85 -21.76 -2.60 7.70
C ALA A 85 -22.37 -3.45 8.82
N ARG A 86 -23.68 -3.68 8.74
CA ARG A 86 -24.39 -4.49 9.74
C ARG A 86 -23.89 -5.93 9.73
N LYS A 87 -23.74 -6.49 8.53
CA LYS A 87 -23.29 -7.86 8.38
C LYS A 87 -21.90 -8.09 9.00
N HIS A 88 -20.97 -7.19 8.70
CA HIS A 88 -19.61 -7.32 9.22
C HIS A 88 -19.51 -7.03 10.72
N GLY A 89 -20.19 -5.98 11.18
CA GLY A 89 -20.14 -5.61 12.59
C GLY A 89 -20.99 -6.40 13.57
N GLU A 90 -22.03 -7.06 13.09
CA GLU A 90 -22.92 -7.82 13.96
C GLU A 90 -22.85 -9.33 13.83
N ASN A 91 -22.55 -9.82 12.63
CA ASN A 91 -22.50 -11.26 12.41
C ASN A 91 -21.10 -11.84 12.16
N LEU A 92 -20.35 -11.23 11.24
CA LEU A 92 -19.01 -11.70 10.89
C LEU A 92 -17.96 -11.41 11.95
N LEU A 93 -18.04 -10.22 12.55
CA LEU A 93 -17.09 -9.79 13.59
C LEU A 93 -15.63 -9.77 13.14
N VAL A 94 -15.41 -9.30 11.91
CA VAL A 94 -14.05 -9.17 11.37
C VAL A 94 -13.41 -7.96 12.06
N ASP A 95 -12.24 -8.15 12.67
CA ASP A 95 -11.59 -7.02 13.35
C ASP A 95 -11.47 -5.88 12.33
N PRO A 96 -12.02 -4.68 12.66
CA PRO A 96 -12.01 -3.48 11.80
C PRO A 96 -10.64 -3.07 11.24
N HIS A 97 -9.58 -3.41 11.96
CA HIS A 97 -8.22 -3.10 11.55
C HIS A 97 -7.90 -3.70 10.18
N ASN A 98 -8.55 -4.82 9.86
CA ASN A 98 -8.33 -5.50 8.59
C ASN A 98 -8.83 -4.74 7.36
N PHE A 99 -9.77 -3.81 7.54
CA PHE A 99 -10.27 -3.05 6.40
C PHE A 99 -9.17 -2.18 5.80
N HIS A 100 -8.36 -1.57 6.65
CA HIS A 100 -7.26 -0.73 6.17
C HIS A 100 -6.17 -1.58 5.51
N LEU A 101 -5.86 -2.73 6.09
CA LEU A 101 -4.86 -3.65 5.52
C LEU A 101 -5.24 -4.06 4.10
N PHE A 102 -6.52 -4.37 3.92
CA PHE A 102 -7.06 -4.79 2.63
C PHE A 102 -6.99 -3.64 1.62
N ALA A 103 -7.27 -2.42 2.06
CA ALA A 103 -7.22 -1.24 1.20
C ALA A 103 -5.82 -1.11 0.58
N ASP A 104 -4.78 -1.23 1.41
CA ASP A 104 -3.41 -1.12 0.92
C ASP A 104 -3.02 -2.20 -0.10
N CYS A 105 -3.67 -3.36 -0.02
CA CYS A 105 -3.41 -4.45 -0.96
C CYS A 105 -4.16 -4.20 -2.26
N ILE A 106 -5.38 -3.67 -2.16
CA ILE A 106 -6.18 -3.37 -3.35
C ILE A 106 -5.47 -2.34 -4.25
N VAL A 107 -4.82 -1.37 -3.63
CA VAL A 107 -4.08 -0.33 -4.37
C VAL A 107 -2.97 -0.96 -5.21
N VAL A 108 -2.31 -1.99 -4.67
CA VAL A 108 -1.26 -2.68 -5.39
C VAL A 108 -1.85 -3.52 -6.54
N THR A 109 -3.03 -4.12 -6.33
CA THR A 109 -3.70 -4.89 -7.38
C THR A 109 -3.99 -3.97 -8.58
N LEU A 110 -4.44 -2.75 -8.28
CA LEU A 110 -4.73 -1.76 -9.31
C LEU A 110 -3.45 -1.35 -10.04
N ALA A 111 -2.36 -1.14 -9.29
CA ALA A 111 -1.09 -0.75 -9.88
C ALA A 111 -0.54 -1.82 -10.84
N VAL A 112 -0.78 -3.10 -10.51
CA VAL A 112 -0.32 -4.21 -11.34
C VAL A 112 -1.14 -4.37 -12.62
N ASN A 113 -2.43 -4.05 -12.54
CA ASN A 113 -3.32 -4.23 -13.67
C ASN A 113 -3.67 -3.04 -14.55
N LEU A 114 -3.67 -1.83 -13.99
CA LEU A 114 -4.00 -0.64 -14.77
C LEU A 114 -2.83 -0.22 -15.66
N GLN A 115 -3.15 0.34 -16.82
CA GLN A 115 -2.14 0.79 -17.77
C GLN A 115 -1.31 1.94 -17.17
N ALA A 116 -1.99 2.85 -16.47
CA ALA A 116 -1.36 3.98 -15.81
C ALA A 116 -1.99 4.15 -14.42
N PHE A 117 -1.20 4.59 -13.45
CA PHE A 117 -1.70 4.79 -12.08
C PHE A 117 -0.90 5.90 -11.43
N THR A 118 -1.12 7.13 -11.88
CA THR A 118 -0.41 8.29 -11.36
C THR A 118 -0.76 8.63 -9.93
N PRO A 119 0.12 9.37 -9.22
CA PRO A 119 -0.13 9.77 -7.83
C PRO A 119 -1.48 10.44 -7.60
N VAL A 120 -1.93 11.29 -8.54
CA VAL A 120 -3.22 11.95 -8.38
C VAL A 120 -4.37 10.93 -8.33
N THR A 121 -4.36 9.97 -9.22
CA THR A 121 -5.40 8.94 -9.26
C THR A 121 -5.33 8.09 -7.99
N HIS A 122 -4.10 7.74 -7.61
CA HIS A 122 -3.83 6.96 -6.41
C HIS A 122 -4.46 7.65 -5.19
N CYS A 123 -4.28 8.97 -5.09
CA CYS A 123 -4.83 9.74 -3.98
C CYS A 123 -6.36 9.64 -3.94
N ALA A 124 -7.01 9.80 -5.08
CA ALA A 124 -8.47 9.73 -5.15
C ALA A 124 -8.99 8.35 -4.69
N VAL A 125 -8.32 7.29 -5.13
CA VAL A 125 -8.69 5.92 -4.78
C VAL A 125 -8.50 5.65 -3.27
N ASP A 126 -7.38 6.11 -2.73
CA ASP A 126 -7.09 5.93 -1.31
C ASP A 126 -8.13 6.60 -0.42
N LYS A 127 -8.58 7.78 -0.83
CA LYS A 127 -9.59 8.53 -0.07
C LYS A 127 -10.91 7.76 -0.10
N PHE A 128 -11.25 7.18 -1.25
CA PHE A 128 -12.46 6.39 -1.41
C PHE A 128 -12.41 5.15 -0.53
N LEU A 129 -11.29 4.43 -0.58
CA LEU A 129 -11.13 3.22 0.22
C LEU A 129 -11.16 3.52 1.72
N GLU A 130 -10.71 4.71 2.10
CA GLU A 130 -10.70 5.14 3.49
C GLU A 130 -12.14 5.36 3.99
N LEU A 131 -13.00 5.92 3.13
CA LEU A 131 -14.40 6.15 3.48
C LEU A 131 -15.13 4.81 3.62
N VAL A 132 -14.88 3.91 2.67
CA VAL A 132 -15.50 2.60 2.68
C VAL A 132 -15.13 1.85 3.97
N ALA A 133 -13.86 1.93 4.36
CA ALA A 133 -13.38 1.28 5.59
C ALA A 133 -14.08 1.86 6.82
N TYR A 134 -14.28 3.18 6.82
CA TYR A 134 -14.93 3.87 7.93
C TYR A 134 -16.40 3.41 8.06
N GLU A 135 -17.10 3.40 6.93
CA GLU A 135 -18.50 2.97 6.91
C GLU A 135 -18.68 1.52 7.31
N LEU A 136 -17.79 0.64 6.87
CA LEU A 136 -17.86 -0.77 7.20
C LEU A 136 -17.54 -1.06 8.68
N SER A 137 -16.97 -0.08 9.37
CA SER A 137 -16.61 -0.21 10.77
C SER A 137 -17.62 0.47 11.70
N SER A 138 -18.68 1.02 11.12
CA SER A 138 -19.69 1.78 11.87
C SER A 138 -20.69 1.05 12.76
N CYS A 139 -20.81 -0.26 12.63
CA CYS A 139 -21.79 -1.01 13.42
C CYS A 139 -21.21 -2.10 14.31
N TYR A 140 -20.02 -1.87 14.84
CA TYR A 140 -19.37 -2.84 15.70
C TYR A 140 -19.66 -2.69 17.20
N ARG A 141 -20.02 -1.48 17.60
CA ARG A 141 -20.32 -1.17 19.00
C ARG A 141 -21.10 0.14 19.14
N VAL B 1 11.25 -7.66 13.10
CA VAL B 1 11.04 -8.13 11.69
C VAL B 1 12.24 -8.95 11.23
N LYS B 2 11.95 -10.07 10.60
CA LYS B 2 12.99 -10.97 10.11
C LYS B 2 12.67 -11.43 8.69
N LEU B 3 13.67 -11.36 7.82
CA LEU B 3 13.52 -11.81 6.45
C LEU B 3 14.12 -13.21 6.32
N SER B 4 13.44 -14.09 5.59
CA SER B 4 13.97 -15.43 5.38
C SER B 4 15.06 -15.32 4.30
N GLU B 5 15.86 -16.36 4.14
CA GLU B 5 16.93 -16.36 3.16
C GLU B 5 16.49 -16.03 1.73
N ASP B 6 15.39 -16.64 1.29
CA ASP B 6 14.89 -16.39 -0.05
C ASP B 6 14.39 -14.95 -0.20
N GLN B 7 13.90 -14.36 0.90
CA GLN B 7 13.41 -12.99 0.87
C GLN B 7 14.60 -12.03 0.74
N GLU B 8 15.70 -12.35 1.41
CA GLU B 8 16.90 -11.54 1.31
C GLU B 8 17.39 -11.59 -0.14
N HIS B 9 17.35 -12.77 -0.76
CA HIS B 9 17.78 -12.91 -2.14
C HIS B 9 16.88 -12.16 -3.11
N TYR B 10 15.59 -12.09 -2.79
CA TYR B 10 14.65 -11.36 -3.64
C TYR B 10 15.00 -9.87 -3.65
N ILE B 11 15.18 -9.29 -2.47
CA ILE B 11 15.48 -7.87 -2.34
C ILE B 11 16.83 -7.48 -2.97
N LYS B 12 17.82 -8.36 -2.86
CA LYS B 12 19.13 -8.11 -3.45
C LYS B 12 19.01 -8.09 -4.97
N GLY B 13 18.18 -8.97 -5.51
CA GLY B 13 17.97 -9.04 -6.96
C GLY B 13 17.26 -7.80 -7.50
N VAL B 14 16.28 -7.30 -6.74
CA VAL B 14 15.54 -6.12 -7.12
C VAL B 14 16.46 -4.89 -7.18
N TRP B 15 17.36 -4.78 -6.21
CA TRP B 15 18.29 -3.65 -6.18
C TRP B 15 19.27 -3.69 -7.36
N LYS B 16 19.46 -4.86 -7.93
CA LYS B 16 20.36 -5.02 -9.08
C LYS B 16 19.63 -4.66 -10.38
N ASP B 17 18.31 -4.82 -10.34
CA ASP B 17 17.46 -4.58 -11.50
C ASP B 17 16.94 -3.15 -11.69
N VAL B 18 16.51 -2.49 -10.61
CA VAL B 18 15.96 -1.15 -10.71
C VAL B 18 16.95 0.00 -10.65
N ASP B 19 16.55 1.14 -11.21
CA ASP B 19 17.36 2.35 -11.19
C ASP B 19 17.12 2.92 -9.79
N HIS B 20 18.16 2.86 -8.95
CA HIS B 20 18.10 3.30 -7.56
C HIS B 20 17.52 4.69 -7.30
N LYS B 21 18.17 5.71 -7.86
CA LYS B 21 17.73 7.09 -7.66
C LYS B 21 16.36 7.40 -8.25
N GLN B 22 16.11 6.91 -9.45
CA GLN B 22 14.85 7.19 -10.11
C GLN B 22 13.60 6.55 -9.50
N ILE B 23 13.66 5.29 -9.09
CA ILE B 23 12.50 4.65 -8.48
C ILE B 23 12.22 5.24 -7.09
N THR B 24 13.28 5.68 -6.41
CA THR B 24 13.16 6.31 -5.09
C THR B 24 12.52 7.70 -5.26
N ALA B 25 12.90 8.42 -6.31
CA ALA B 25 12.34 9.74 -6.59
C ALA B 25 10.85 9.61 -6.89
N LYS B 26 10.48 8.57 -7.63
CA LYS B 26 9.07 8.33 -7.96
C LYS B 26 8.28 8.00 -6.70
N ALA B 27 8.88 7.20 -5.82
CA ALA B 27 8.23 6.81 -4.56
C ALA B 27 8.02 8.04 -3.68
N LEU B 28 8.98 8.97 -3.71
CA LEU B 28 8.89 10.21 -2.94
C LEU B 28 7.76 11.09 -3.46
N GLU B 29 7.69 11.28 -4.77
CA GLU B 29 6.61 12.09 -5.36
C GLU B 29 5.26 11.50 -4.95
N ARG B 30 5.15 10.18 -5.02
CA ARG B 30 3.91 9.50 -4.66
C ARG B 30 3.53 9.69 -3.19
N VAL B 31 4.51 9.67 -2.29
CA VAL B 31 4.21 9.85 -0.86
C VAL B 31 3.78 11.29 -0.55
N PHE B 32 4.39 12.25 -1.23
CA PHE B 32 4.07 13.67 -1.04
C PHE B 32 2.66 14.02 -1.53
N VAL B 33 2.21 13.34 -2.58
CA VAL B 33 0.89 13.58 -3.16
C VAL B 33 -0.23 12.79 -2.45
N VAL B 34 -0.03 11.49 -2.25
CA VAL B 34 -1.03 10.65 -1.61
C VAL B 34 -1.18 10.93 -0.11
N TYR B 35 -0.08 11.25 0.56
CA TYR B 35 -0.09 11.55 1.99
C TYR B 35 0.60 12.91 2.18
N PRO B 36 -0.10 14.01 1.83
CA PRO B 36 0.34 15.42 1.90
C PRO B 36 1.06 15.87 3.17
N TRP B 37 0.68 15.33 4.32
CA TRP B 37 1.30 15.71 5.58
C TRP B 37 2.78 15.34 5.69
N THR B 38 3.25 14.47 4.79
CA THR B 38 4.66 14.06 4.79
C THR B 38 5.57 15.18 4.26
N THR B 39 4.98 16.24 3.71
CA THR B 39 5.75 17.38 3.18
C THR B 39 6.09 18.42 4.26
N ARG B 40 5.67 18.16 5.50
CA ARG B 40 5.89 19.09 6.61
C ARG B 40 7.29 19.67 6.74
N LEU B 41 8.30 18.81 6.73
CA LEU B 41 9.69 19.27 6.86
C LEU B 41 10.38 19.55 5.51
N PHE B 42 9.60 19.64 4.44
CA PHE B 42 10.13 19.88 3.10
C PHE B 42 9.69 21.20 2.46
N SER B 43 9.57 22.27 3.25
CA SER B 43 9.16 23.56 2.71
C SER B 43 10.16 24.09 1.68
N LYS B 44 11.40 23.63 1.78
CA LYS B 44 12.47 24.03 0.87
C LYS B 44 12.21 23.57 -0.56
N LEU B 45 11.28 22.63 -0.73
CA LEU B 45 10.93 22.12 -2.06
C LEU B 45 10.13 23.16 -2.86
N GLN B 46 9.58 24.15 -2.16
CA GLN B 46 8.80 25.23 -2.80
C GLN B 46 7.58 24.76 -3.57
N GLY B 47 6.96 23.66 -3.14
CA GLY B 47 5.79 23.16 -3.84
C GLY B 47 6.09 22.30 -5.07
N LEU B 48 7.37 22.10 -5.36
CA LEU B 48 7.80 21.28 -6.50
C LEU B 48 8.07 19.86 -6.01
N PHE B 49 7.07 19.00 -6.16
CA PHE B 49 7.13 17.61 -5.69
C PHE B 49 7.29 16.49 -6.72
N SER B 50 7.51 16.83 -7.98
CA SER B 50 7.66 15.82 -9.03
C SER B 50 8.98 15.06 -8.94
N ALA B 51 8.97 13.81 -9.38
CA ALA B 51 10.15 12.95 -9.36
C ALA B 51 11.34 13.59 -10.06
N ASN B 52 11.07 14.35 -11.10
CA ASN B 52 12.15 15.00 -11.85
C ASN B 52 12.55 16.39 -11.32
N ASP B 53 11.88 16.87 -10.29
CA ASP B 53 12.22 18.16 -9.70
C ASP B 53 13.55 18.01 -8.95
N ILE B 54 14.43 19.00 -9.13
CA ILE B 54 15.75 19.00 -8.51
C ILE B 54 15.79 18.63 -7.02
N GLY B 55 14.91 19.24 -6.23
CA GLY B 55 14.87 18.96 -4.80
C GLY B 55 14.53 17.52 -4.45
N VAL B 56 13.59 16.94 -5.20
CA VAL B 56 13.19 15.56 -4.97
C VAL B 56 14.32 14.63 -5.41
N GLN B 57 14.98 14.95 -6.52
CA GLN B 57 16.09 14.17 -7.03
C GLN B 57 17.23 14.15 -6.01
N GLN B 58 17.48 15.30 -5.37
CA GLN B 58 18.54 15.38 -4.37
C GLN B 58 18.24 14.54 -3.12
N HIS B 59 16.99 14.55 -2.66
CA HIS B 59 16.64 13.76 -1.48
C HIS B 59 16.64 12.26 -1.82
N ALA B 60 16.22 11.93 -3.04
CA ALA B 60 16.18 10.54 -3.49
C ALA B 60 17.58 9.92 -3.48
N ASP B 61 18.58 10.75 -3.78
CA ASP B 61 19.96 10.29 -3.81
C ASP B 61 20.42 9.92 -2.41
N LYS B 62 19.96 10.68 -1.41
CA LYS B 62 20.30 10.42 -0.01
C LYS B 62 19.64 9.13 0.50
N VAL B 63 18.35 8.99 0.20
CA VAL B 63 17.58 7.83 0.64
C VAL B 63 18.04 6.52 0.00
N GLN B 64 18.29 6.53 -1.31
CA GLN B 64 18.73 5.32 -2.00
C GLN B 64 20.08 4.80 -1.51
N ARG B 65 20.99 5.70 -1.14
CA ARG B 65 22.30 5.29 -0.61
C ARG B 65 22.14 4.53 0.69
N ALA B 66 21.27 5.04 1.57
CA ALA B 66 20.99 4.42 2.85
C ALA B 66 20.32 3.05 2.65
N LEU B 67 19.42 2.97 1.66
CA LEU B 67 18.75 1.71 1.36
C LEU B 67 19.77 0.68 0.91
N GLY B 68 20.76 1.13 0.14
CA GLY B 68 21.81 0.24 -0.32
C GLY B 68 22.62 -0.33 0.84
N GLU B 69 22.88 0.51 1.85
CA GLU B 69 23.64 0.09 3.03
C GLU B 69 22.86 -0.95 3.81
N ALA B 70 21.54 -0.84 3.79
CA ALA B 70 20.68 -1.79 4.47
C ALA B 70 20.71 -3.14 3.73
N ILE B 71 20.59 -3.07 2.40
CA ILE B 71 20.60 -4.26 1.55
C ILE B 71 21.94 -5.02 1.53
N ASP B 72 23.04 -4.30 1.71
CA ASP B 72 24.38 -4.90 1.72
C ASP B 72 24.59 -5.81 2.92
N ASP B 73 23.86 -5.56 3.99
CA ASP B 73 23.95 -6.36 5.21
C ASP B 73 22.60 -6.34 5.90
N LEU B 74 21.68 -7.15 5.39
CA LEU B 74 20.33 -7.22 5.92
C LEU B 74 20.21 -7.76 7.34
N LYS B 75 21.26 -8.40 7.84
CA LYS B 75 21.20 -8.94 9.19
C LYS B 75 21.62 -7.97 10.29
N LYS B 76 22.26 -6.88 9.92
CA LYS B 76 22.70 -5.89 10.90
C LYS B 76 22.18 -4.48 10.62
N VAL B 77 21.01 -4.41 9.98
CA VAL B 77 20.39 -3.13 9.64
C VAL B 77 20.15 -2.22 10.83
N GLU B 78 19.60 -2.76 11.91
CA GLU B 78 19.32 -1.96 13.09
C GLU B 78 20.57 -1.36 13.72
N ILE B 79 21.63 -2.16 13.78
CA ILE B 79 22.91 -1.73 14.33
C ILE B 79 23.51 -0.64 13.46
N ASN B 80 23.47 -0.87 12.15
CA ASN B 80 24.01 0.08 11.18
C ASN B 80 23.23 1.39 11.04
N PHE B 81 21.95 1.39 11.42
CA PHE B 81 21.11 2.59 11.31
C PHE B 81 20.90 3.38 12.61
N GLN B 82 21.56 3.00 13.70
CA GLN B 82 21.39 3.70 14.97
C GLN B 82 21.62 5.20 14.91
N ASN B 83 22.72 5.59 14.28
CA ASN B 83 23.04 7.00 14.14
C ASN B 83 22.06 7.73 13.20
N LEU B 84 21.68 7.06 12.10
CA LEU B 84 20.74 7.63 11.14
C LEU B 84 19.36 7.80 11.78
N SER B 85 19.00 6.88 12.68
CA SER B 85 17.73 6.94 13.40
C SER B 85 17.72 8.15 14.34
N GLY B 86 18.81 8.31 15.11
CA GLY B 86 18.91 9.43 16.03
C GLY B 86 18.86 10.76 15.29
N LYS B 87 19.48 10.78 14.11
CA LYS B 87 19.52 11.96 13.26
C LYS B 87 18.10 12.36 12.81
N HIS B 88 17.27 11.36 12.47
CA HIS B 88 15.88 11.63 12.05
C HIS B 88 15.06 12.25 13.17
N GLN B 89 15.30 11.83 14.41
CA GLN B 89 14.57 12.42 15.53
C GLN B 89 15.00 13.88 15.67
N GLU B 90 16.31 14.15 15.50
CA GLU B 90 16.83 15.52 15.59
C GLU B 90 16.20 16.41 14.52
N ILE B 91 16.09 15.88 13.30
CA ILE B 91 15.50 16.58 12.17
C ILE B 91 14.02 16.86 12.48
N GLY B 92 13.38 15.91 13.16
CA GLY B 92 11.99 16.06 13.55
C GLY B 92 11.00 15.21 12.77
N VAL B 93 11.49 14.14 12.15
CA VAL B 93 10.64 13.26 11.35
C VAL B 93 9.72 12.34 12.17
N ASP B 94 8.46 12.25 11.77
CA ASP B 94 7.50 11.36 12.45
C ASP B 94 7.78 9.95 11.89
N THR B 95 7.98 8.99 12.79
CA THR B 95 8.27 7.62 12.39
C THR B 95 7.16 6.96 11.54
N GLN B 96 5.92 7.44 11.66
CA GLN B 96 4.82 6.87 10.88
C GLN B 96 5.06 7.12 9.38
N ASN B 97 5.70 8.24 9.05
CA ASN B 97 5.99 8.58 7.66
C ASN B 97 6.82 7.49 6.97
N PHE B 98 7.66 6.78 7.74
CA PHE B 98 8.49 5.70 7.18
C PHE B 98 7.63 4.57 6.60
N LYS B 99 6.53 4.25 7.29
CA LYS B 99 5.61 3.20 6.84
C LYS B 99 4.87 3.62 5.57
N LEU B 100 4.54 4.91 5.46
CA LEU B 100 3.84 5.44 4.29
C LEU B 100 4.72 5.38 3.04
N LEU B 101 6.02 5.66 3.20
CA LEU B 101 6.96 5.58 2.08
C LEU B 101 7.10 4.12 1.62
N GLY B 102 7.05 3.19 2.57
CA GLY B 102 7.14 1.79 2.21
C GLY B 102 5.99 1.41 1.29
N GLN B 103 4.80 1.94 1.58
CA GLN B 103 3.61 1.68 0.78
C GLN B 103 3.72 2.26 -0.63
N THR B 104 4.24 3.48 -0.76
CA THR B 104 4.38 4.06 -2.09
C THR B 104 5.49 3.37 -2.88
N PHE B 105 6.51 2.87 -2.18
CA PHE B 105 7.61 2.16 -2.83
C PHE B 105 7.08 0.86 -3.44
N MET B 106 6.18 0.18 -2.72
CA MET B 106 5.62 -1.06 -3.23
C MET B 106 4.74 -0.85 -4.45
N VAL B 107 4.09 0.31 -4.53
CA VAL B 107 3.27 0.66 -5.68
C VAL B 107 4.19 0.88 -6.88
N GLU B 108 5.32 1.55 -6.65
CA GLU B 108 6.29 1.77 -7.72
C GLU B 108 6.91 0.45 -8.19
N LEU B 109 7.13 -0.48 -7.26
CA LEU B 109 7.66 -1.79 -7.65
C LEU B 109 6.62 -2.54 -8.49
N ALA B 110 5.35 -2.37 -8.13
CA ALA B 110 4.24 -2.99 -8.85
C ALA B 110 4.15 -2.44 -10.27
N LEU B 111 4.36 -1.14 -10.42
CA LEU B 111 4.32 -0.50 -11.73
C LEU B 111 5.50 -0.92 -12.61
N HIS B 112 6.62 -1.23 -11.97
CA HIS B 112 7.82 -1.66 -12.69
C HIS B 112 7.75 -3.12 -13.13
N TYR B 113 7.37 -4.00 -12.20
CA TYR B 113 7.30 -5.43 -12.46
C TYR B 113 5.96 -5.95 -12.98
N LYS B 114 4.90 -5.19 -12.72
CA LYS B 114 3.57 -5.57 -13.16
C LYS B 114 3.16 -6.99 -12.68
N LYS B 115 2.84 -7.87 -13.63
CA LYS B 115 2.41 -9.23 -13.30
C LYS B 115 3.40 -10.13 -12.55
N THR B 116 4.69 -9.83 -12.65
CA THR B 116 5.70 -10.63 -11.95
C THR B 116 5.81 -10.27 -10.46
N PHE B 117 5.11 -9.20 -10.07
CA PHE B 117 5.08 -8.78 -8.67
C PHE B 117 3.93 -9.53 -8.00
N ARG B 118 4.10 -10.85 -7.90
CA ARG B 118 3.08 -11.75 -7.31
C ARG B 118 3.03 -11.63 -5.79
N PRO B 119 2.02 -12.23 -5.14
CA PRO B 119 1.89 -12.15 -3.68
C PRO B 119 3.16 -12.44 -2.84
N LYS B 120 3.94 -13.44 -3.24
CA LYS B 120 5.18 -13.79 -2.52
C LYS B 120 6.21 -12.67 -2.58
N GLU B 121 6.39 -12.11 -3.78
CA GLU B 121 7.32 -11.00 -4.02
C GLU B 121 6.89 -9.79 -3.19
N HIS B 122 5.60 -9.49 -3.26
CA HIS B 122 4.96 -8.37 -2.55
C HIS B 122 5.21 -8.51 -1.03
N ALA B 123 5.03 -9.71 -0.50
CA ALA B 123 5.26 -9.99 0.92
C ALA B 123 6.72 -9.77 1.30
N ALA B 124 7.64 -10.16 0.43
CA ALA B 124 9.06 -10.00 0.68
C ALA B 124 9.39 -8.51 0.75
N ALA B 125 8.87 -7.73 -0.20
CA ALA B 125 9.10 -6.29 -0.24
C ALA B 125 8.50 -5.59 0.97
N TYR B 126 7.27 -6.00 1.34
CA TYR B 126 6.57 -5.44 2.49
C TYR B 126 7.40 -5.63 3.77
N LYS B 127 7.90 -6.84 3.97
CA LYS B 127 8.72 -7.15 5.13
C LYS B 127 10.01 -6.32 5.17
N PHE B 128 10.65 -6.15 4.02
CA PHE B 128 11.89 -5.36 3.94
C PHE B 128 11.64 -3.94 4.40
N PHE B 129 10.61 -3.29 3.85
CA PHE B 129 10.32 -1.93 4.25
C PHE B 129 9.86 -1.81 5.71
N ARG B 130 9.34 -2.91 6.28
CA ARG B 130 8.93 -2.90 7.69
C ARG B 130 10.20 -2.92 8.54
N LEU B 131 11.19 -3.69 8.09
CA LEU B 131 12.46 -3.83 8.77
C LEU B 131 13.16 -2.46 8.79
N VAL B 132 13.13 -1.78 7.65
CA VAL B 132 13.74 -0.47 7.49
C VAL B 132 13.08 0.58 8.39
N ALA B 133 11.74 0.58 8.41
CA ALA B 133 10.97 1.50 9.23
C ALA B 133 11.28 1.27 10.71
N GLU B 134 11.35 0.00 11.10
CA GLU B 134 11.66 -0.39 12.47
C GLU B 134 13.09 0.06 12.87
N ALA B 135 14.05 -0.15 11.97
CA ALA B 135 15.44 0.24 12.22
C ALA B 135 15.57 1.76 12.37
N LEU B 136 14.85 2.49 11.53
CA LEU B 136 14.87 3.96 11.57
C LEU B 136 14.17 4.54 12.78
N SER B 137 13.26 3.77 13.39
CA SER B 137 12.52 4.22 14.56
C SER B 137 13.13 3.78 15.89
N SER B 138 14.05 2.83 15.85
CA SER B 138 14.66 2.29 17.07
C SER B 138 15.43 3.24 17.99
N ASN B 139 16.12 4.23 17.42
CA ASN B 139 16.88 5.16 18.25
C ASN B 139 16.15 6.45 18.63
N TYR B 140 14.82 6.39 18.70
CA TYR B 140 14.01 7.53 19.11
C TYR B 140 13.81 7.38 20.61
N HIS B 141 14.15 8.42 21.37
CA HIS B 141 14.01 8.39 22.83
C HIS B 141 13.23 9.58 23.38
CHA HEM C . -18.64 -11.34 3.16
CHB HEM C . -17.77 -7.12 1.04
CHC HEM C . -13.63 -6.75 3.51
CHD HEM C . -14.43 -11.07 5.43
C1A HEM C . -18.80 -10.20 2.44
C2A HEM C . -19.81 -10.07 1.42
C3A HEM C . -19.56 -8.88 0.78
C4A HEM C . -18.38 -8.30 1.43
CMA HEM C . -20.33 -8.30 -0.40
CAA HEM C . -20.90 -11.10 1.12
CBA HEM C . -22.21 -10.55 1.67
CGA HEM C . -23.41 -11.44 1.37
O1A HEM C . -24.29 -11.55 2.25
O2A HEM C . -23.49 -12.01 0.26
C1B HEM C . -16.60 -6.61 1.59
C2B HEM C . -15.96 -5.36 1.17
C3B HEM C . -14.81 -5.26 1.88
C4B HEM C . -14.75 -6.43 2.72
CMB HEM C . -16.54 -4.37 0.16
CAB HEM C . -13.83 -4.28 1.87
CBB HEM C . -13.37 -3.57 0.69
C1C HEM C . -13.47 -7.89 4.28
C2C HEM C . -12.26 -8.26 4.97
C3C HEM C . -12.50 -9.50 5.51
C4C HEM C . -13.84 -9.86 5.11
CMC HEM C . -10.97 -7.42 5.06
CAC HEM C . -11.73 -10.34 6.31
CBC HEM C . -10.32 -10.32 6.57
C1D HEM C . -15.69 -11.48 5.05
C2D HEM C . -16.26 -12.80 5.36
C3D HEM C . -17.42 -12.86 4.67
C4D HEM C . -17.59 -11.61 4.00
CMD HEM C . -15.67 -13.87 6.31
CAD HEM C . -18.37 -14.06 4.58
CBD HEM C . -18.15 -14.86 3.30
CGD HEM C . -19.12 -16.02 3.17
O1D HEM C . -20.32 -15.87 3.51
O2D HEM C . -18.69 -17.10 2.69
NA HEM C . -17.92 -9.12 2.46
NB HEM C . -15.87 -7.24 2.58
NC HEM C . -14.47 -8.85 4.38
ND HEM C . -16.55 -10.74 4.25
FE HEM C . -16.37 -8.84 3.66
CHA HEM D . 17.43 13.08 5.68
CHB HEM D . 17.43 8.36 4.64
CHC HEM D . 12.63 8.34 4.87
CHD HEM D . 12.64 13.05 5.90
C1A HEM D . 17.85 11.81 5.38
C2A HEM D . 19.24 11.43 5.13
C3A HEM D . 19.22 10.11 4.79
C4A HEM D . 17.85 9.69 4.84
CMA HEM D . 20.41 9.20 4.48
CAA HEM D . 20.45 12.34 5.30
CBA HEM D . 20.85 12.45 6.77
CGA HEM D . 21.98 13.45 6.99
O1A HEM D . 21.85 14.61 6.54
O2A HEM D . 22.99 13.08 7.63
C1B HEM D . 16.13 7.90 4.76
C2B HEM D . 15.69 6.53 4.48
C3B HEM D . 14.35 6.53 4.48
C4B HEM D . 13.94 7.89 4.84
CMB HEM D . 16.55 5.30 4.22
CAB HEM D . 13.56 5.48 4.05
CBB HEM D . 12.48 4.91 4.80
C1C HEM D . 12.22 9.62 5.18
C2C HEM D . 10.81 10.04 5.20
C3C HEM D . 10.82 11.34 5.60
C4C HEM D . 12.22 11.73 5.70
CMC HEM D . 9.62 9.17 4.78
CAC HEM D . 9.77 12.14 5.96
CBC HEM D . 8.69 12.42 5.08
C1D HEM D . 13.95 13.47 5.94
C2D HEM D . 14.34 14.86 6.09
C3D HEM D . 15.69 14.87 6.02
C4D HEM D . 16.12 13.48 5.88
CMD HEM D . 13.40 16.04 6.28
CAD HEM D . 16.59 16.09 5.96
CBD HEM D . 16.63 16.60 4.53
CGD HEM D . 17.62 17.74 4.31
O1D HEM D . 17.63 18.30 3.18
O2D HEM D . 18.40 18.06 5.23
NA HEM D . 16.99 10.73 5.23
NB HEM D . 15.05 8.71 5.06
NC HEM D . 13.07 10.66 5.50
ND HEM D . 15.04 12.63 5.82
FE HEM D . 15.04 10.65 5.66
#